data_2YZ1
#
_entry.id   2YZ1
#
_cell.length_a   48.555
_cell.length_b   57.670
_cell.length_c   69.186
_cell.angle_alpha   90.00
_cell.angle_beta   90.00
_cell.angle_gamma   90.00
#
_symmetry.space_group_name_H-M   'P 21 21 21'
#
loop_
_entity.id
_entity.type
_entity.pdbx_description
1 polymer 'Tyrosine-protein phosphatase non-receptor type substrate 1'
2 water water
#
_entity_poly.entity_id   1
_entity_poly.type   'polypeptide(L)'
_entity_poly.pdbx_seq_one_letter_code
;GPLGSKELKVTQPEKSVSVAAGDSTVLNCTLTSLLPVGPIKWYRGVGQSRLLIYSFTGEHFPRVTNVSDATKRNNMDFSI
RISNVTPEDAGTYYCVKFQKGPSEPDTEIQSGGGTEVYVL
;
_entity_poly.pdbx_strand_id   A,B
#
# COMPACT_ATOMS: atom_id res chain seq x y z
N GLU A 7 -20.82 9.08 -5.15
CA GLU A 7 -20.46 8.42 -6.47
C GLU A 7 -18.96 8.10 -6.48
N LEU A 8 -18.60 6.83 -6.60
CA LEU A 8 -17.17 6.46 -6.69
C LEU A 8 -16.65 6.64 -8.10
N LYS A 9 -15.69 7.51 -8.21
CA LYS A 9 -15.01 7.73 -9.51
C LYS A 9 -13.50 7.64 -9.19
N VAL A 10 -12.78 7.14 -10.19
CA VAL A 10 -11.31 7.19 -10.23
C VAL A 10 -10.89 8.10 -11.32
N THR A 11 -10.12 9.08 -10.98
CA THR A 11 -9.72 10.10 -11.89
C THR A 11 -8.21 10.04 -12.17
N GLN A 12 -7.85 9.93 -13.44
CA GLN A 12 -6.45 10.08 -13.91
C GLN A 12 -6.47 11.19 -14.97
N PRO A 13 -5.39 11.95 -15.06
CA PRO A 13 -5.28 12.95 -16.12
C PRO A 13 -5.47 12.32 -17.52
N GLU A 14 -6.30 12.97 -18.35
CA GLU A 14 -6.53 12.59 -19.75
C GLU A 14 -5.50 13.24 -20.64
N LYS A 15 -4.42 12.51 -20.88
CA LYS A 15 -3.36 13.00 -21.61
C LYS A 15 -2.33 11.87 -21.72
N SER A 16 -1.24 12.39 -22.26
CA SER A 16 -0.08 11.70 -22.70
C SER A 16 0.99 12.55 -22.02
N VAL A 17 1.89 11.85 -21.33
CA VAL A 17 3.12 12.48 -20.89
C VAL A 17 4.25 11.93 -21.75
N SER A 18 5.07 12.79 -22.30
CA SER A 18 6.20 12.38 -23.12
C SER A 18 7.45 12.61 -22.26
N VAL A 19 8.28 11.57 -22.12
CA VAL A 19 9.43 11.60 -21.16
C VAL A 19 10.63 10.99 -21.86
N ALA A 20 11.80 11.59 -21.65
CA ALA A 20 13.01 11.02 -22.24
C ALA A 20 13.40 9.79 -21.45
N ALA A 21 13.93 8.78 -22.16
CA ALA A 21 14.46 7.57 -21.44
C ALA A 21 15.45 8.03 -20.37
N GLY A 22 15.26 7.54 -19.15
CA GLY A 22 16.07 7.93 -18.04
C GLY A 22 15.56 8.99 -17.14
N ASP A 23 14.55 9.71 -17.60
CA ASP A 23 13.89 10.72 -16.78
C ASP A 23 12.81 10.01 -15.95
N SER A 24 12.24 10.73 -14.98
CA SER A 24 11.21 10.08 -14.13
C SER A 24 9.90 10.82 -14.31
N THR A 25 8.81 10.16 -13.94
CA THR A 25 7.51 10.82 -14.03
C THR A 25 6.63 10.31 -12.92
N VAL A 26 5.60 11.10 -12.60
CA VAL A 26 4.58 10.68 -11.62
C VAL A 26 3.26 10.60 -12.36
N LEU A 27 2.53 9.51 -12.16
CA LEU A 27 1.20 9.31 -12.73
C LEU A 27 0.19 9.46 -11.63
N ASN A 28 -0.76 10.39 -11.84
CA ASN A 28 -1.68 10.74 -10.81
C ASN A 28 -2.91 9.88 -10.87
N CYS A 29 -3.49 9.63 -9.70
CA CYS A 29 -4.78 8.96 -9.61
C CYS A 29 -5.44 9.39 -8.30
N THR A 30 -6.72 9.79 -8.37
CA THR A 30 -7.42 10.13 -7.14
C THR A 30 -8.77 9.48 -7.17
N LEU A 31 -9.26 9.18 -6.00
CA LEU A 31 -10.59 8.60 -5.84
C LEU A 31 -11.54 9.56 -5.14
N THR A 32 -12.82 9.48 -5.44
CA THR A 32 -13.78 10.36 -4.77
C THR A 32 -14.27 9.73 -3.45
N SER A 33 -13.96 8.47 -3.21
CA SER A 33 -14.42 7.75 -1.99
C SER A 33 -13.44 6.62 -1.75
N LEU A 34 -13.23 6.24 -0.50
CA LEU A 34 -12.48 5.03 -0.23
C LEU A 34 -13.37 3.81 0.01
N LEU A 35 -14.65 3.94 -0.25
CA LEU A 35 -15.59 2.79 -0.14
C LEU A 35 -16.03 2.34 -1.50
N PRO A 36 -16.37 1.07 -1.65
CA PRO A 36 -16.17 0.01 -0.66
C PRO A 36 -14.69 -0.31 -0.50
N VAL A 37 -14.33 -1.02 0.55
CA VAL A 37 -12.96 -1.29 0.81
C VAL A 37 -12.35 -2.26 -0.21
N GLY A 38 -11.16 -1.89 -0.66
CA GLY A 38 -10.38 -2.82 -1.41
C GLY A 38 -9.23 -2.14 -2.14
N PRO A 39 -8.36 -2.97 -2.72
CA PRO A 39 -7.10 -2.46 -3.34
C PRO A 39 -7.29 -1.50 -4.47
N ILE A 40 -6.30 -0.59 -4.65
CA ILE A 40 -6.14 0.10 -5.90
C ILE A 40 -4.90 -0.46 -6.55
N LYS A 41 -5.00 -0.93 -7.79
CA LYS A 41 -3.85 -1.50 -8.48
C LYS A 41 -3.65 -0.78 -9.78
N TRP A 42 -2.40 -0.60 -10.14
CA TRP A 42 -2.06 -0.02 -11.43
C TRP A 42 -1.71 -1.10 -12.46
N TYR A 43 -2.20 -0.94 -13.70
CA TYR A 43 -1.88 -1.88 -14.79
C TYR A 43 -1.37 -1.10 -15.97
N ARG A 44 -0.56 -1.75 -16.81
CA ARG A 44 -0.12 -1.17 -18.11
C ARG A 44 -0.66 -2.07 -19.19
N GLY A 45 -1.17 -1.44 -20.24
CA GLY A 45 -1.59 -2.23 -21.41
C GLY A 45 -3.00 -2.78 -21.33
N VAL A 46 -3.32 -3.87 -22.07
CA VAL A 46 -4.72 -4.29 -22.40
C VAL A 46 -4.96 -5.79 -22.27
N GLY A 47 -6.21 -6.18 -22.16
CA GLY A 47 -6.53 -7.61 -22.13
C GLY A 47 -6.56 -8.22 -20.74
N GLN A 48 -6.80 -9.52 -20.66
CA GLN A 48 -6.84 -10.19 -19.35
C GLN A 48 -5.45 -10.37 -18.79
N SER A 49 -4.44 -10.25 -19.63
CA SER A 49 -3.05 -10.34 -19.17
C SER A 49 -2.38 -8.94 -19.10
N ARG A 50 -3.21 -7.92 -18.88
CA ARG A 50 -2.70 -6.56 -18.61
CA ARG A 50 -2.68 -6.56 -18.62
C ARG A 50 -1.65 -6.74 -17.52
N LEU A 51 -0.52 -6.02 -17.61
CA LEU A 51 0.53 -6.23 -16.62
C LEU A 51 0.23 -5.43 -15.36
N LEU A 52 0.26 -6.10 -14.20
CA LEU A 52 0.21 -5.46 -12.92
C LEU A 52 1.54 -4.74 -12.65
N ILE A 53 1.45 -3.49 -12.23
CA ILE A 53 2.62 -2.64 -12.04
C ILE A 53 2.83 -2.33 -10.55
N TYR A 54 1.75 -2.01 -9.80
CA TYR A 54 1.90 -1.49 -8.45
C TYR A 54 0.60 -1.75 -7.74
N SER A 55 0.64 -2.08 -6.46
CA SER A 55 -0.55 -2.41 -5.69
C SER A 55 -0.62 -1.63 -4.43
N PHE A 56 -1.67 -0.90 -4.21
CA PHE A 56 -2.06 -0.34 -2.90
C PHE A 56 -3.05 -1.31 -2.28
N THR A 57 -2.55 -2.34 -1.59
CA THR A 57 -3.40 -3.44 -1.07
C THR A 57 -4.31 -3.04 0.05
N GLY A 58 -3.72 -2.40 1.08
CA GLY A 58 -4.55 -1.93 2.14
C GLY A 58 -4.85 -3.00 3.16
N GLU A 59 -6.02 -2.82 3.75
CA GLU A 59 -6.37 -3.65 4.93
C GLU A 59 -6.80 -5.01 4.56
N HIS A 60 -6.61 -5.91 5.50
CA HIS A 60 -6.94 -7.33 5.35
C HIS A 60 -8.46 -7.51 5.58
N PHE A 61 -9.22 -7.00 4.66
CA PHE A 61 -10.69 -6.86 4.77
C PHE A 61 -11.33 -8.11 4.18
N PRO A 62 -12.44 -8.64 4.74
CA PRO A 62 -13.20 -8.14 5.90
C PRO A 62 -12.80 -8.68 7.22
N ARG A 63 -11.72 -9.46 7.30
CA ARG A 63 -11.25 -9.95 8.59
C ARG A 63 -11.01 -8.79 9.54
N VAL A 64 -10.47 -7.69 9.01
CA VAL A 64 -10.28 -6.44 9.71
C VAL A 64 -11.08 -5.42 8.92
N THR A 65 -11.84 -4.53 9.58
CA THR A 65 -12.60 -3.54 8.90
C THR A 65 -12.28 -2.10 9.35
N ASN A 66 -11.34 -1.95 10.26
CA ASN A 66 -11.11 -0.66 10.87
C ASN A 66 -9.68 -0.15 10.81
N VAL A 67 -8.94 -0.54 9.77
CA VAL A 67 -7.53 -0.17 9.63
C VAL A 67 -7.31 0.55 8.31
N SER A 68 -6.60 1.67 8.36
CA SER A 68 -6.32 2.48 7.17
C SER A 68 -4.88 3.02 7.20
N ASP A 69 -4.43 3.45 6.04
CA ASP A 69 -3.10 4.00 5.84
C ASP A 69 -3.02 5.38 6.50
N ALA A 70 -2.01 5.61 7.33
CA ALA A 70 -1.85 6.90 7.97
C ALA A 70 -0.68 7.72 7.45
N THR A 71 -0.25 7.42 6.22
CA THR A 71 1.02 8.01 5.71
C THR A 71 0.81 9.08 4.62
N LYS A 72 -0.39 9.26 4.12
CA LYS A 72 -0.55 9.97 2.85
C LYS A 72 -0.65 11.47 3.10
N ARG A 73 -0.19 12.25 2.13
CA ARG A 73 -0.49 13.69 2.14
C ARG A 73 -1.98 13.93 1.98
N ASN A 74 -2.63 13.13 1.14
CA ASN A 74 -4.05 13.17 0.91
C ASN A 74 -4.55 11.73 0.81
N ASN A 75 -5.58 11.42 1.61
CA ASN A 75 -6.02 10.03 1.72
CA ASN A 75 -6.03 10.05 1.71
C ASN A 75 -6.70 9.47 0.46
N MET A 76 -7.03 10.34 -0.49
CA MET A 76 -7.65 9.90 -1.74
C MET A 76 -6.69 9.74 -2.89
N ASP A 77 -5.40 9.91 -2.60
CA ASP A 77 -4.33 9.89 -3.66
C ASP A 77 -3.72 8.49 -3.75
N PHE A 78 -3.60 8.05 -5.02
CA PHE A 78 -2.98 6.79 -5.36
C PHE A 78 -1.95 6.91 -6.48
N SER A 79 -1.30 8.06 -6.50
CA SER A 79 -0.24 8.31 -7.51
C SER A 79 0.97 7.42 -7.33
N ILE A 80 1.63 7.11 -8.47
CA ILE A 80 2.89 6.34 -8.48
C ILE A 80 3.97 7.09 -9.19
N ARG A 81 5.19 6.81 -8.81
CA ARG A 81 6.36 7.40 -9.51
C ARG A 81 7.09 6.33 -10.30
N ILE A 82 7.34 6.63 -11.57
CA ILE A 82 8.18 5.69 -12.39
C ILE A 82 9.52 6.40 -12.47
N SER A 83 10.53 5.78 -11.87
CA SER A 83 11.89 6.36 -11.85
C SER A 83 12.71 5.87 -12.98
N ASN A 84 13.43 6.76 -13.67
CA ASN A 84 14.28 6.33 -14.78
C ASN A 84 13.54 5.49 -15.79
N VAL A 85 12.52 6.12 -16.37
CA VAL A 85 11.68 5.44 -17.34
CA VAL A 85 11.68 5.42 -17.35
C VAL A 85 12.53 4.77 -18.43
N THR A 86 12.12 3.59 -18.84
CA THR A 86 12.81 2.89 -19.94
C THR A 86 11.84 2.78 -21.10
N PRO A 87 12.30 2.49 -22.28
CA PRO A 87 11.35 2.26 -23.41
C PRO A 87 10.27 1.22 -23.16
N GLU A 88 10.55 0.24 -22.35
CA GLU A 88 9.61 -0.81 -22.01
C GLU A 88 8.45 -0.25 -21.20
N ASP A 89 8.68 0.92 -20.60
CA ASP A 89 7.66 1.55 -19.73
C ASP A 89 6.63 2.29 -20.56
N ALA A 90 6.83 2.42 -21.87
CA ALA A 90 5.83 3.16 -22.68
C ALA A 90 4.54 2.36 -22.67
N GLY A 91 3.43 3.09 -22.68
CA GLY A 91 2.12 2.47 -22.72
C GLY A 91 1.09 3.24 -21.95
N THR A 92 -0.12 2.72 -21.91
CA THR A 92 -1.17 3.42 -21.17
C THR A 92 -1.32 2.69 -19.84
N TYR A 93 -1.33 3.53 -18.78
CA TYR A 93 -1.42 3.03 -17.42
C TYR A 93 -2.82 3.28 -16.83
N TYR A 94 -3.41 2.32 -16.14
CA TYR A 94 -4.73 2.44 -15.59
C TYR A 94 -4.67 2.22 -14.10
N CYS A 95 -5.35 3.12 -13.41
CA CYS A 95 -5.52 3.01 -11.94
C CYS A 95 -6.88 2.36 -11.71
N VAL A 96 -6.90 1.17 -11.10
CA VAL A 96 -8.13 0.36 -11.04
C VAL A 96 -8.48 0.05 -9.61
N LYS A 97 -9.75 0.26 -9.28
CA LYS A 97 -10.26 0.04 -7.92
C LYS A 97 -10.94 -1.31 -7.86
N PHE A 98 -10.62 -2.07 -6.80
CA PHE A 98 -11.24 -3.39 -6.55
C PHE A 98 -11.99 -3.42 -5.24
N GLN A 99 -13.01 -4.29 -5.18
CA GLN A 99 -13.63 -4.67 -3.93
C GLN A 99 -12.98 -5.90 -3.43
N LYS A 100 -12.57 -5.84 -2.16
CA LYS A 100 -12.02 -7.02 -1.46
C LYS A 100 -13.23 -7.75 -0.86
N GLY A 101 -13.53 -8.89 -1.46
CA GLY A 101 -14.80 -9.60 -1.22
C GLY A 101 -14.40 -10.52 -0.11
N PRO A 102 -15.34 -11.42 0.30
CA PRO A 102 -15.07 -12.43 1.33
C PRO A 102 -13.83 -13.26 1.02
N SER A 103 -13.72 -13.70 -0.24
CA SER A 103 -12.56 -14.46 -0.72
C SER A 103 -11.88 -13.81 -1.93
N GLU A 104 -10.68 -14.29 -2.25
CA GLU A 104 -9.97 -13.88 -3.45
C GLU A 104 -10.55 -14.57 -4.69
N PRO A 105 -10.33 -14.00 -5.89
CA PRO A 105 -9.58 -12.79 -6.27
C PRO A 105 -10.42 -11.57 -5.96
N ASP A 106 -9.74 -10.43 -5.91
CA ASP A 106 -10.43 -9.13 -5.80
C ASP A 106 -11.30 -8.86 -7.04
N THR A 107 -12.35 -8.06 -6.93
CA THR A 107 -13.34 -7.84 -8.00
C THR A 107 -13.16 -6.39 -8.47
N GLU A 108 -12.83 -6.15 -9.73
CA GLU A 108 -12.75 -4.78 -10.22
C GLU A 108 -14.11 -4.13 -10.18
N ILE A 109 -14.18 -2.91 -9.67
CA ILE A 109 -15.44 -2.16 -9.64
C ILE A 109 -15.35 -0.80 -10.29
N GLN A 110 -14.12 -0.24 -10.47
CA GLN A 110 -14.03 1.09 -11.11
C GLN A 110 -12.65 1.24 -11.71
N SER A 111 -12.49 2.11 -12.67
CA SER A 111 -11.14 2.32 -13.23
C SER A 111 -11.05 3.77 -13.66
N GLY A 112 -9.83 4.31 -13.66
CA GLY A 112 -9.58 5.54 -14.36
C GLY A 112 -9.57 5.28 -15.86
N GLY A 113 -9.48 6.40 -16.54
CA GLY A 113 -9.55 6.35 -18.02
C GLY A 113 -8.24 6.13 -18.71
N GLY A 114 -7.16 6.02 -17.95
CA GLY A 114 -5.80 5.76 -18.50
C GLY A 114 -4.98 7.03 -18.71
N THR A 115 -3.67 6.89 -18.55
CA THR A 115 -2.70 7.98 -18.88
C THR A 115 -1.61 7.37 -19.70
N GLU A 116 -1.31 7.95 -20.86
CA GLU A 116 -0.26 7.43 -21.73
C GLU A 116 1.08 7.98 -21.34
N VAL A 117 2.05 7.08 -21.31
CA VAL A 117 3.46 7.45 -21.21
C VAL A 117 4.10 7.15 -22.56
N TYR A 118 4.68 8.20 -23.16
CA TYR A 118 5.43 8.01 -24.43
C TYR A 118 6.90 8.27 -24.11
N VAL A 119 7.78 7.29 -24.41
CA VAL A 119 9.19 7.49 -24.12
C VAL A 119 9.87 7.95 -25.44
N LEU A 120 10.53 9.09 -25.38
CA LEU A 120 10.94 9.77 -26.61
C LEU A 120 11.93 8.96 -27.46
N GLU B 7 21.98 -1.53 7.48
CA GLU B 7 21.36 -0.19 7.31
C GLU B 7 19.88 -0.21 7.61
N LEU B 8 19.20 -1.35 7.38
CA LEU B 8 17.75 -1.39 7.71
C LEU B 8 17.50 -1.57 9.17
N LYS B 9 16.64 -0.70 9.68
CA LYS B 9 16.09 -0.83 11.02
C LYS B 9 14.58 -0.51 10.81
N VAL B 10 13.73 -1.33 11.43
CA VAL B 10 12.26 -1.09 11.43
C VAL B 10 11.96 -0.51 12.83
N THR B 11 11.48 0.70 12.92
CA THR B 11 11.28 1.31 14.22
C THR B 11 9.82 1.56 14.44
N GLN B 12 9.36 1.07 15.61
CA GLN B 12 8.03 1.44 16.09
C GLN B 12 8.27 2.26 17.37
N PRO B 13 8.23 3.58 17.27
CA PRO B 13 8.77 4.43 18.33
C PRO B 13 7.98 4.45 19.63
N GLU B 14 6.72 4.10 19.57
CA GLU B 14 5.91 4.09 20.79
C GLU B 14 5.69 2.65 21.18
N LYS B 15 5.96 2.38 22.44
CA LYS B 15 5.79 1.04 22.95
C LYS B 15 4.37 0.73 23.29
N SER B 16 3.57 1.73 23.58
CA SER B 16 2.15 1.49 23.76
C SER B 16 1.33 2.69 23.36
N VAL B 17 0.06 2.43 23.15
CA VAL B 17 -0.94 3.50 22.93
C VAL B 17 -2.18 3.06 23.70
N SER B 18 -2.95 4.05 24.16
CA SER B 18 -4.20 3.79 24.90
CA SER B 18 -4.20 3.77 24.90
C SER B 18 -5.30 4.44 24.14
N VAL B 19 -6.35 3.66 23.87
CA VAL B 19 -7.44 4.21 23.06
CA VAL B 19 -7.45 4.15 23.01
C VAL B 19 -8.74 3.76 23.67
N ALA B 20 -9.68 4.69 23.81
CA ALA B 20 -11.00 4.30 24.30
C ALA B 20 -11.77 3.56 23.25
N ALA B 21 -12.65 2.64 23.72
CA ALA B 21 -13.53 1.98 22.76
C ALA B 21 -14.24 2.97 21.90
N GLY B 22 -14.23 2.81 20.57
CA GLY B 22 -14.88 3.73 19.67
C GLY B 22 -13.97 4.76 19.08
N ASP B 23 -12.81 4.96 19.72
CA ASP B 23 -11.93 6.04 19.25
C ASP B 23 -10.87 5.44 18.27
N SER B 24 -9.96 6.32 17.83
CA SER B 24 -8.91 5.86 16.86
C SER B 24 -7.53 6.14 17.40
N THR B 25 -6.54 5.45 16.83
CA THR B 25 -5.18 5.75 17.17
C THR B 25 -4.30 5.45 16.01
N VAL B 26 -3.16 6.14 15.92
CA VAL B 26 -2.15 5.80 14.92
C VAL B 26 -1.02 4.97 15.53
N LEU B 27 -0.63 3.95 14.82
CA LEU B 27 0.53 3.10 15.15
C LEU B 27 1.61 3.45 14.18
N ASN B 28 2.67 3.99 14.73
CA ASN B 28 3.77 4.47 13.91
C ASN B 28 4.77 3.42 13.59
N CYS B 29 5.30 3.49 12.36
CA CYS B 29 6.38 2.62 11.93
C CYS B 29 7.20 3.34 10.89
N THR B 30 8.50 3.40 11.07
CA THR B 30 9.33 3.99 10.04
C THR B 30 10.51 3.07 9.83
N LEU B 31 11.04 3.11 8.60
CA LEU B 31 12.15 2.25 8.19
C LEU B 31 13.34 3.19 7.86
N THR B 32 14.54 2.70 8.06
CA THR B 32 15.72 3.53 7.71
C THR B 32 16.07 3.36 6.24
N SER B 33 15.59 2.31 5.58
CA SER B 33 15.88 2.02 4.17
C SER B 33 14.63 1.43 3.57
N LEU B 34 14.46 1.62 2.26
CA LEU B 34 13.41 0.99 1.51
C LEU B 34 13.89 -0.28 0.81
N LEU B 35 15.09 -0.72 1.10
CA LEU B 35 15.63 -1.93 0.48
C LEU B 35 15.64 -3.03 1.46
N PRO B 36 15.60 -4.27 0.99
CA PRO B 36 15.39 -4.71 -0.39
C PRO B 36 13.92 -4.52 -0.76
N VAL B 37 13.56 -4.80 -1.99
CA VAL B 37 12.18 -4.65 -2.43
C VAL B 37 11.31 -5.74 -1.77
N GLY B 38 10.20 -5.24 -1.17
CA GLY B 38 9.23 -6.16 -0.68
C GLY B 38 8.25 -5.46 0.26
N PRO B 39 7.15 -6.17 0.56
CA PRO B 39 6.05 -5.56 1.39
C PRO B 39 6.44 -5.22 2.82
N ILE B 40 5.76 -4.24 3.37
CA ILE B 40 5.71 -4.02 4.80
C ILE B 40 4.33 -4.45 5.20
N LYS B 41 4.24 -5.36 6.18
CA LYS B 41 2.91 -5.81 6.65
C LYS B 41 2.82 -5.59 8.14
N TRP B 42 1.62 -5.29 8.60
CA TRP B 42 1.31 -5.20 9.99
C TRP B 42 0.55 -6.40 10.49
N TYR B 43 0.96 -6.90 11.68
CA TYR B 43 0.27 -8.05 12.29
C TYR B 43 -0.12 -7.73 13.69
N ARG B 44 -1.22 -8.31 14.17
CA ARG B 44 -1.54 -8.32 15.59
CA ARG B 44 -1.49 -8.32 15.60
C ARG B 44 -1.16 -9.72 16.12
N GLY B 45 -0.34 -9.76 17.15
CA GLY B 45 0.08 -11.07 17.66
C GLY B 45 1.38 -11.56 17.10
N VAL B 46 1.77 -12.76 17.58
CA VAL B 46 3.05 -13.41 17.18
C VAL B 46 2.82 -14.87 16.80
N GLY B 47 3.79 -15.47 16.06
CA GLY B 47 3.71 -16.89 15.74
C GLY B 47 2.82 -17.11 14.55
N GLN B 48 2.54 -18.38 14.26
CA GLN B 48 1.71 -18.78 13.10
C GLN B 48 0.26 -18.25 13.17
N SER B 49 -0.26 -18.03 14.38
CA SER B 49 -1.63 -17.55 14.51
C SER B 49 -1.71 -16.05 14.34
N ARG B 50 -0.57 -15.38 14.17
CA ARG B 50 -0.67 -13.89 14.09
C ARG B 50 -1.63 -13.45 12.99
N LEU B 51 -2.28 -12.31 13.17
CA LEU B 51 -3.30 -11.88 12.24
C LEU B 51 -2.75 -10.75 11.37
N LEU B 52 -2.82 -10.93 10.08
CA LEU B 52 -2.48 -9.85 9.15
C LEU B 52 -3.51 -8.79 9.21
N ILE B 53 -3.09 -7.56 9.37
CA ILE B 53 -3.90 -6.39 9.57
CA ILE B 53 -4.09 -6.49 9.42
C ILE B 53 -3.96 -5.47 8.29
N TYR B 54 -2.75 -5.25 7.72
CA TYR B 54 -2.59 -4.20 6.70
C TYR B 54 -1.34 -4.53 5.95
N SER B 55 -1.38 -4.25 4.64
CA SER B 55 -0.22 -4.51 3.78
C SER B 55 0.12 -3.35 2.91
N PHE B 56 1.37 -2.96 2.97
CA PHE B 56 1.99 -1.97 2.00
C PHE B 56 2.76 -2.83 1.04
N THR B 57 2.09 -3.22 -0.05
CA THR B 57 2.61 -4.24 -0.97
C THR B 57 3.67 -3.80 -1.90
N GLY B 58 3.38 -2.69 -2.62
CA GLY B 58 4.31 -2.02 -3.52
C GLY B 58 4.32 -2.58 -4.91
N GLU B 59 5.49 -2.47 -5.56
CA GLU B 59 5.60 -2.73 -6.99
C GLU B 59 5.60 -4.26 -7.27
N HIS B 60 5.26 -4.57 -8.50
CA HIS B 60 5.20 -5.97 -8.89
C HIS B 60 6.60 -6.48 -9.27
N PHE B 61 7.44 -6.63 -8.27
CA PHE B 61 8.81 -7.09 -8.43
C PHE B 61 8.83 -8.62 -8.64
N PRO B 62 9.80 -9.15 -9.44
CA PRO B 62 10.90 -8.45 -10.12
C PRO B 62 10.62 -8.00 -11.54
N ARG B 63 9.44 -8.21 -12.06
CA ARG B 63 9.17 -7.67 -13.41
C ARG B 63 9.23 -6.15 -13.44
N VAL B 64 8.82 -5.50 -12.35
CA VAL B 64 8.88 -4.05 -12.23
C VAL B 64 9.82 -3.72 -11.11
N THR B 65 10.84 -2.91 -11.34
CA THR B 65 11.79 -2.54 -10.32
C THR B 65 11.95 -1.06 -10.08
N ASN B 66 11.16 -0.24 -10.81
CA ASN B 66 11.37 1.22 -10.78
C ASN B 66 10.11 2.01 -10.47
N VAL B 67 9.16 1.37 -9.80
CA VAL B 67 7.90 2.06 -9.46
C VAL B 67 7.69 2.16 -7.97
N SER B 68 7.32 3.34 -7.52
CA SER B 68 7.13 3.58 -6.09
C SER B 68 5.87 4.36 -5.81
N ASP B 69 5.49 4.34 -4.53
CA ASP B 69 4.37 5.11 -4.02
C ASP B 69 4.73 6.57 -4.01
N ALA B 70 3.94 7.42 -4.68
CA ALA B 70 4.22 8.83 -4.74
C ALA B 70 3.32 9.66 -3.78
N THR B 71 2.63 8.98 -2.85
CA THR B 71 1.57 9.62 -2.03
C THR B 71 1.96 10.03 -0.61
N LYS B 72 3.11 9.64 -0.15
CA LYS B 72 3.41 9.74 1.31
C LYS B 72 3.95 11.09 1.65
N ARG B 73 3.70 11.52 2.86
CA ARG B 73 4.43 12.68 3.42
C ARG B 73 5.90 12.37 3.61
N ASN B 74 6.23 11.14 4.05
CA ASN B 74 7.60 10.69 4.29
C ASN B 74 7.69 9.31 3.66
N ASN B 75 8.58 9.08 2.70
CA ASN B 75 8.62 7.83 2.02
C ASN B 75 9.09 6.69 2.91
N MET B 76 9.61 6.97 4.11
CA MET B 76 10.04 5.91 5.01
CA MET B 76 10.06 5.97 5.04
C MET B 76 8.98 5.55 6.03
N ASP B 77 7.79 6.15 5.91
CA ASP B 77 6.71 5.97 6.92
C ASP B 77 5.74 4.90 6.47
N PHE B 78 5.37 4.03 7.43
CA PHE B 78 4.45 2.89 7.19
C PHE B 78 3.45 2.83 8.30
N SER B 79 3.05 3.97 8.81
CA SER B 79 2.06 4.04 9.89
C SER B 79 0.67 3.69 9.43
N ILE B 80 -0.09 3.15 10.41
CA ILE B 80 -1.51 2.86 10.16
C ILE B 80 -2.40 3.45 11.23
N ARG B 81 -3.65 3.62 10.90
CA ARG B 81 -4.61 4.10 11.87
C ARG B 81 -5.61 3.01 12.14
N ILE B 82 -5.92 2.79 13.41
CA ILE B 82 -6.97 1.82 13.79
C ILE B 82 -8.11 2.62 14.34
N SER B 83 -9.27 2.51 13.74
CA SER B 83 -10.44 3.34 14.13
C SER B 83 -11.54 2.51 14.79
N ASN B 84 -12.50 3.22 15.43
CA ASN B 84 -13.70 2.55 16.00
C ASN B 84 -13.31 1.34 16.77
N VAL B 85 -12.30 1.44 17.67
CA VAL B 85 -11.76 0.25 18.28
C VAL B 85 -12.74 -0.50 19.15
N THR B 86 -12.65 -1.81 19.20
CA THR B 86 -13.38 -2.62 20.14
C THR B 86 -12.35 -3.43 20.92
N PRO B 87 -12.74 -4.12 22.01
CA PRO B 87 -11.77 -4.90 22.75
C PRO B 87 -10.94 -5.91 21.97
N GLU B 88 -11.40 -6.43 20.85
CA GLU B 88 -10.57 -7.40 20.16
C GLU B 88 -9.31 -6.73 19.57
N ASP B 89 -9.33 -5.41 19.47
CA ASP B 89 -8.20 -4.71 18.94
C ASP B 89 -7.07 -4.54 19.94
N ALA B 90 -7.24 -4.87 21.21
CA ALA B 90 -6.14 -4.84 22.16
C ALA B 90 -5.16 -5.95 21.85
N GLY B 91 -3.87 -5.62 22.03
CA GLY B 91 -2.82 -6.62 21.85
C GLY B 91 -1.61 -5.94 21.29
N THR B 92 -0.70 -6.78 20.81
CA THR B 92 0.63 -6.32 20.36
C THR B 92 0.72 -6.42 18.82
N TYR B 93 1.02 -5.18 18.30
CA TYR B 93 1.06 -4.95 16.81
C TYR B 93 2.50 -4.79 16.32
N TYR B 94 2.81 -5.52 15.27
CA TYR B 94 4.17 -5.50 14.71
C TYR B 94 4.17 -5.05 13.27
N CYS B 95 5.13 -4.16 12.96
CA CYS B 95 5.37 -3.72 11.57
C CYS B 95 6.54 -4.55 11.07
N VAL B 96 6.35 -5.26 9.97
CA VAL B 96 7.31 -6.24 9.53
C VAL B 96 7.70 -6.11 8.07
N LYS B 97 9.00 -6.01 7.84
CA LYS B 97 9.50 -5.91 6.45
C LYS B 97 9.81 -7.25 5.89
N PHE B 98 9.41 -7.43 4.63
CA PHE B 98 9.68 -8.67 3.87
C PHE B 98 10.47 -8.38 2.62
N GLN B 99 11.22 -9.40 2.15
CA GLN B 99 11.85 -9.34 0.86
C GLN B 99 11.03 -10.16 -0.13
N LYS B 100 10.62 -9.57 -1.25
CA LYS B 100 9.94 -10.27 -2.32
C LYS B 100 10.90 -11.29 -2.98
N GLY B 101 12.05 -10.86 -3.53
CA GLY B 101 13.08 -11.88 -3.92
C GLY B 101 12.72 -12.65 -5.20
N PRO B 102 13.46 -13.75 -5.55
CA PRO B 102 13.22 -14.45 -6.84
C PRO B 102 11.86 -15.14 -7.06
N SER B 103 11.32 -15.77 -6.01
CA SER B 103 10.10 -16.61 -6.09
C SER B 103 9.31 -16.45 -4.79
N GLU B 104 8.03 -16.85 -4.78
CA GLU B 104 7.21 -16.87 -3.53
C GLU B 104 7.52 -18.11 -2.67
N PRO B 105 7.32 -18.03 -1.32
CA PRO B 105 6.73 -16.91 -0.59
C PRO B 105 7.78 -15.85 -0.13
N ASP B 106 7.27 -14.71 0.33
CA ASP B 106 8.07 -13.58 0.89
C ASP B 106 8.89 -14.00 2.09
N THR B 107 10.12 -13.50 2.14
CA THR B 107 11.08 -13.80 3.20
C THR B 107 11.02 -12.67 4.21
N GLU B 108 10.78 -12.99 5.49
CA GLU B 108 10.79 -11.96 6.52
C GLU B 108 12.21 -11.47 6.76
N ILE B 109 12.41 -10.18 6.70
CA ILE B 109 13.70 -9.53 6.85
C ILE B 109 13.85 -9.00 8.29
N GLN B 110 12.86 -8.23 8.77
CA GLN B 110 12.98 -7.65 10.10
C GLN B 110 11.61 -7.25 10.60
N SER B 111 11.33 -7.56 11.88
CA SER B 111 10.20 -7.00 12.59
C SER B 111 10.59 -5.78 13.43
N GLY B 112 9.73 -4.78 13.54
CA GLY B 112 9.79 -3.78 14.58
C GLY B 112 9.59 -4.42 15.94
N GLY B 113 9.79 -3.61 16.98
CA GLY B 113 9.71 -4.19 18.38
C GLY B 113 8.33 -4.33 18.92
N GLY B 114 7.30 -3.87 18.21
CA GLY B 114 5.94 -3.98 18.70
C GLY B 114 5.45 -2.78 19.44
N THR B 115 4.15 -2.59 19.32
CA THR B 115 3.43 -1.55 20.05
C THR B 115 2.22 -2.19 20.67
N GLU B 116 2.03 -1.99 21.96
CA GLU B 116 0.86 -2.54 22.65
C GLU B 116 -0.30 -1.56 22.55
N VAL B 117 -1.46 -2.06 22.15
CA VAL B 117 -2.72 -1.28 22.17
C VAL B 117 -3.55 -1.69 23.36
N TYR B 118 -3.86 -0.72 24.21
CA TYR B 118 -4.85 -0.91 25.27
C TYR B 118 -6.16 -0.32 24.83
N VAL B 119 -7.24 -1.02 25.04
CA VAL B 119 -8.60 -0.51 24.75
C VAL B 119 -9.21 -0.26 26.12
N LEU B 120 -9.38 1.01 26.44
CA LEU B 120 -9.81 1.41 27.80
C LEU B 120 -10.48 2.76 27.78
#